data_9FYW
#
_entry.id   9FYW
#
_cell.length_a   100.620
_cell.length_b   32.740
_cell.length_c   72.250
_cell.angle_alpha   90.000
_cell.angle_beta   90.290
_cell.angle_gamma   90.000
#
_symmetry.space_group_name_H-M   'C 1 2 1'
#
loop_
_entity.id
_entity.type
_entity.pdbx_description
1 polymer 'Ribonuclease pancreatic'
2 non-polymer 'SULFATE ION'
3 non-polymer 4-[11-(4-cyanophenyl)-1,5-bis($l^{1}-oxidanyl)-3,7-dimethyl-2,4,6,8-tetraoxa-9,11-diaza-1$l^{5},5$l^{5}-diruthenatricyclo[3.3.3.0^{1,5}]undecan-9-yl]benzenecarbonitrile
4 water water
#
_entity_poly.entity_id   1
_entity_poly.type   'polypeptide(L)'
_entity_poly.pdbx_seq_one_letter_code
;MALKSLVLLSLLVLVLLLVRVQPSLGKETAAAKFERQHMDSSTSAASSSNYCNQMMKSRNLTKDRCKPVNTFVHESLADV
QAVCSQKNVACKNGQTNCYQSYSTMSITDCRETGSSKYPNCAYKTTQANKHIIVACEGNPYVPVHFDASV
;
_entity_poly.pdbx_strand_id   A,B
#
loop_
_chem_comp.id
_chem_comp.type
_chem_comp.name
_chem_comp.formula
A1IHW non-polymer 4-[11-(4-cyanophenyl)-1,5-bis($l^{1}-oxidanyl)-3,7-dimethyl-2,4,6,8-tetraoxa-9,11-diaza-1$l^{5},5$l^{5}-diruthenatricyclo[3.3.3.0^{1,5}]undecan-9-yl]benzenecarbonitrile 'C19 H20 N4 O6 Ru2'
SO4 non-polymer 'SULFATE ION' 'O4 S -2'
#
# COMPACT_ATOMS: atom_id res chain seq x y z
N LYS A 27 -14.41 20.40 10.42
CA LYS A 27 -15.43 19.39 10.06
C LYS A 27 -15.03 18.62 8.78
N GLU A 28 -14.20 19.24 7.92
CA GLU A 28 -13.34 18.54 6.98
C GLU A 28 -12.31 17.71 7.77
N THR A 29 -12.40 16.40 7.64
CA THR A 29 -11.50 15.49 8.33
C THR A 29 -10.15 15.55 7.62
N ALA A 30 -9.13 15.06 8.31
CA ALA A 30 -7.80 14.92 7.72
C ALA A 30 -7.87 14.07 6.47
N ALA A 31 -8.63 12.96 6.54
CA ALA A 31 -8.75 12.03 5.43
C ALA A 31 -9.34 12.78 4.22
N ALA A 32 -10.38 13.60 4.48
CA ALA A 32 -10.98 14.36 3.39
C ALA A 32 -10.04 15.41 2.82
N LYS A 33 -9.31 16.06 3.69
CA LYS A 33 -8.31 17.04 3.28
C LYS A 33 -7.27 16.38 2.39
N PHE A 34 -6.81 15.16 2.72
CA PHE A 34 -5.87 14.48 1.83
C PHE A 34 -6.48 14.23 0.46
N GLU A 35 -7.75 13.83 0.41
CA GLU A 35 -8.42 13.57 -0.87
C GLU A 35 -8.52 14.85 -1.69
N ARG A 36 -8.82 15.98 -1.01
CA ARG A 36 -8.92 17.26 -1.69
C ARG A 36 -7.55 17.70 -2.24
N GLN A 37 -6.50 17.57 -1.42
CA GLN A 37 -5.20 18.09 -1.79
C GLN A 37 -4.45 17.18 -2.75
N HIS A 38 -4.71 15.86 -2.73
CA HIS A 38 -3.80 14.92 -3.36
C HIS A 38 -4.44 13.86 -4.29
N MET A 39 -5.76 13.69 -4.33
CA MET A 39 -6.35 12.68 -5.17
C MET A 39 -6.91 13.32 -6.45
N ASP A 40 -6.55 12.77 -7.59
CA ASP A 40 -7.26 13.10 -8.82
C ASP A 40 -7.34 11.84 -9.69
N SER A 41 -8.27 10.99 -9.33
CA SER A 41 -8.43 9.72 -10.02
C SER A 41 -9.00 9.89 -11.44
N SER A 42 -9.71 11.01 -11.71
N SER A 42 -9.67 11.02 -11.73
CA SER A 42 -10.36 11.25 -12.99
CA SER A 42 -10.37 11.21 -13.00
C SER A 42 -9.37 11.18 -14.16
C SER A 42 -9.41 11.25 -14.19
N THR A 43 -8.21 11.83 -14.02
CA THR A 43 -7.22 11.85 -15.08
C THR A 43 -6.24 10.69 -14.85
N SER A 44 -5.81 10.06 -15.96
CA SER A 44 -4.80 9.02 -15.92
C SER A 44 -3.41 9.64 -15.81
N ALA A 45 -3.30 10.94 -16.19
CA ALA A 45 -2.05 11.69 -16.24
C ALA A 45 -2.32 13.20 -16.19
N ALA A 46 -1.26 14.02 -16.26
CA ALA A 46 -1.34 15.46 -16.13
C ALA A 46 -1.98 16.05 -17.38
N SER A 47 -3.31 16.23 -17.30
CA SER A 47 -4.11 16.60 -18.45
C SER A 47 -3.29 17.46 -19.41
N SER A 48 -2.73 18.57 -18.90
CA SER A 48 -2.14 19.57 -19.75
C SER A 48 -1.07 20.38 -19.02
N SER A 49 -0.38 21.23 -19.78
N SER A 49 -0.36 21.23 -19.78
CA SER A 49 0.60 22.16 -19.25
CA SER A 49 0.61 22.17 -19.24
C SER A 49 -0.07 23.12 -18.27
C SER A 49 -0.06 23.12 -18.24
N ASN A 50 -1.39 23.26 -18.35
CA ASN A 50 -2.17 24.12 -17.47
C ASN A 50 -2.72 23.40 -16.23
N TYR A 51 -2.51 22.08 -16.13
CA TYR A 51 -3.20 21.28 -15.11
C TYR A 51 -3.01 21.85 -13.70
N CYS A 52 -1.75 22.06 -13.29
CA CYS A 52 -1.45 22.53 -11.93
C CYS A 52 -2.06 23.90 -11.69
N ASN A 53 -2.00 24.78 -12.69
CA ASN A 53 -2.60 26.09 -12.47
C ASN A 53 -4.06 25.96 -12.06
N GLN A 54 -4.80 25.10 -12.76
CA GLN A 54 -6.23 24.95 -12.56
C GLN A 54 -6.51 24.23 -11.24
N MET A 55 -5.77 23.14 -11.02
CA MET A 55 -6.06 22.25 -9.91
C MET A 55 -5.65 22.84 -8.56
N MET A 56 -4.51 23.53 -8.53
CA MET A 56 -4.07 24.15 -7.27
C MET A 56 -5.13 25.16 -6.83
N LYS A 57 -5.76 25.84 -7.79
CA LYS A 57 -6.78 26.82 -7.48
C LYS A 57 -8.09 26.14 -7.09
N SER A 58 -8.57 25.18 -7.91
CA SER A 58 -9.88 24.58 -7.73
C SER A 58 -9.97 23.73 -6.46
N ARG A 59 -8.84 23.17 -6.05
CA ARG A 59 -8.75 22.42 -4.80
C ARG A 59 -8.40 23.29 -3.60
N ASN A 60 -8.37 24.62 -3.81
CA ASN A 60 -8.27 25.60 -2.75
C ASN A 60 -6.90 25.58 -2.11
N LEU A 61 -5.87 25.29 -2.91
CA LEU A 61 -4.51 25.27 -2.41
C LEU A 61 -3.83 26.61 -2.70
N THR A 62 -4.56 27.61 -3.24
CA THR A 62 -3.98 28.91 -3.52
C THR A 62 -4.78 30.04 -2.87
N LYS A 63 -5.37 29.75 -1.71
CA LYS A 63 -6.42 30.59 -1.17
C LYS A 63 -5.80 31.65 -0.24
N ASP A 64 -4.94 31.21 0.69
CA ASP A 64 -4.31 32.05 1.68
C ASP A 64 -2.86 32.35 1.30
N ARG A 65 -2.26 31.46 0.49
CA ARG A 65 -0.92 31.64 -0.05
C ARG A 65 -0.79 30.71 -1.27
N CYS A 66 0.28 30.86 -2.05
CA CYS A 66 0.57 29.86 -3.06
C CYS A 66 1.21 28.68 -2.35
N LYS A 67 0.52 27.51 -2.34
CA LYS A 67 1.15 26.34 -1.74
C LYS A 67 2.35 26.03 -2.62
N PRO A 68 3.59 25.98 -2.11
CA PRO A 68 4.77 25.82 -2.96
C PRO A 68 4.91 24.56 -3.83
N VAL A 69 4.62 23.41 -3.24
N VAL A 69 4.62 23.41 -3.23
CA VAL A 69 4.72 22.15 -3.97
CA VAL A 69 4.76 22.11 -3.89
C VAL A 69 3.55 21.29 -3.54
C VAL A 69 3.55 21.28 -3.52
N ASN A 70 2.97 20.53 -4.47
CA ASN A 70 1.87 19.65 -4.14
C ASN A 70 1.78 18.56 -5.19
N THR A 71 1.47 17.33 -4.82
CA THR A 71 1.38 16.22 -5.76
C THR A 71 -0.04 15.71 -5.80
N PHE A 72 -0.53 15.41 -7.02
CA PHE A 72 -1.80 14.75 -7.24
C PHE A 72 -1.57 13.33 -7.76
N VAL A 73 -2.33 12.40 -7.21
CA VAL A 73 -2.21 10.98 -7.59
C VAL A 73 -3.41 10.59 -8.45
N HIS A 74 -3.06 9.93 -9.58
CA HIS A 74 -4.05 9.46 -10.56
C HIS A 74 -4.20 7.96 -10.49
N GLU A 75 -4.69 7.51 -9.34
CA GLU A 75 -5.01 6.13 -9.10
C GLU A 75 -6.32 6.17 -8.33
N SER A 76 -6.99 5.04 -8.16
CA SER A 76 -8.21 4.95 -7.41
C SER A 76 -7.95 5.30 -5.96
N LEU A 77 -8.97 5.77 -5.28
CA LEU A 77 -8.88 6.00 -3.86
C LEU A 77 -8.51 4.69 -3.15
N ALA A 78 -9.07 3.57 -3.57
CA ALA A 78 -8.81 2.30 -2.88
C ALA A 78 -7.35 1.94 -3.01
N ASP A 79 -6.76 2.18 -4.17
CA ASP A 79 -5.35 1.87 -4.36
C ASP A 79 -4.47 2.73 -3.46
N VAL A 80 -4.79 4.03 -3.33
CA VAL A 80 -3.99 4.90 -2.51
C VAL A 80 -4.20 4.55 -1.04
N GLN A 81 -5.44 4.27 -0.60
CA GLN A 81 -5.69 3.89 0.77
C GLN A 81 -4.92 2.61 1.11
N ALA A 82 -4.75 1.73 0.14
CA ALA A 82 -4.08 0.45 0.35
C ALA A 82 -2.61 0.65 0.72
N VAL A 83 -2.02 1.78 0.37
CA VAL A 83 -0.61 2.01 0.65
C VAL A 83 -0.35 2.03 2.16
N CYS A 84 -1.37 2.32 2.98
CA CYS A 84 -1.24 2.30 4.43
C CYS A 84 -0.89 0.91 4.98
N SER A 85 -1.05 -0.16 4.18
N SER A 85 -1.05 -0.14 4.15
CA SER A 85 -0.66 -1.50 4.59
CA SER A 85 -0.74 -1.52 4.51
C SER A 85 0.55 -2.02 3.82
C SER A 85 0.54 -2.02 3.82
N GLN A 86 1.24 -1.14 3.09
CA GLN A 86 2.40 -1.49 2.26
C GLN A 86 3.71 -1.22 3.00
N LYS A 87 4.73 -0.68 2.34
CA LYS A 87 6.06 -0.74 2.91
C LYS A 87 6.24 0.40 3.91
N ASN A 88 6.43 0.10 5.19
CA ASN A 88 6.62 1.09 6.24
C ASN A 88 8.03 1.68 6.09
N VAL A 89 8.07 3.02 5.97
CA VAL A 89 9.28 3.80 5.84
C VAL A 89 9.24 5.03 6.76
N ALA A 90 10.41 5.54 7.13
CA ALA A 90 10.47 6.77 7.89
C ALA A 90 9.91 7.95 7.10
N CYS A 91 9.11 8.76 7.77
CA CYS A 91 8.67 10.04 7.25
C CYS A 91 9.79 11.08 7.31
N LYS A 92 9.74 12.08 6.42
CA LYS A 92 10.75 13.12 6.40
C LYS A 92 10.90 13.81 7.75
N ASN A 93 9.81 13.97 8.49
CA ASN A 93 9.87 14.63 9.77
C ASN A 93 10.32 13.73 10.91
N GLY A 94 10.66 12.49 10.63
CA GLY A 94 11.18 11.57 11.62
C GLY A 94 10.12 10.72 12.30
N GLN A 95 8.84 10.98 12.04
CA GLN A 95 7.82 10.07 12.50
C GLN A 95 7.89 8.75 11.73
N THR A 96 7.21 7.74 12.27
CA THR A 96 7.35 6.37 11.78
C THR A 96 6.17 5.91 10.91
N ASN A 97 5.15 6.75 10.75
CA ASN A 97 3.91 6.34 10.14
C ASN A 97 3.79 6.67 8.67
N CYS A 98 4.86 6.43 7.92
CA CYS A 98 4.80 6.63 6.48
C CYS A 98 4.94 5.29 5.76
N TYR A 99 4.40 5.26 4.54
CA TYR A 99 4.25 4.03 3.80
C TYR A 99 4.47 4.27 2.32
N GLN A 100 5.31 3.41 1.72
CA GLN A 100 5.69 3.52 0.33
C GLN A 100 4.97 2.45 -0.49
N SER A 101 4.39 2.88 -1.61
CA SER A 101 3.68 1.96 -2.49
C SER A 101 4.67 0.96 -3.10
N TYR A 102 4.25 -0.30 -3.18
CA TYR A 102 5.07 -1.33 -3.82
C TYR A 102 5.07 -1.15 -5.34
N SER A 103 3.94 -0.71 -5.88
N SER A 103 3.93 -0.72 -5.87
CA SER A 103 3.88 -0.41 -7.31
CA SER A 103 3.81 -0.42 -7.30
C SER A 103 4.10 1.08 -7.54
C SER A 103 4.10 1.07 -7.53
N THR A 104 4.56 1.42 -8.74
CA THR A 104 4.56 2.80 -9.18
C THR A 104 3.13 3.24 -9.46
N MET A 105 2.93 4.54 -9.31
CA MET A 105 1.65 5.18 -9.50
C MET A 105 1.83 6.41 -10.37
N SER A 106 0.77 6.69 -11.12
CA SER A 106 0.71 7.87 -11.97
C SER A 106 0.47 9.08 -11.08
N ILE A 107 1.38 10.06 -11.13
CA ILE A 107 1.24 11.28 -10.33
C ILE A 107 1.49 12.51 -11.19
N THR A 108 1.07 13.66 -10.67
CA THR A 108 1.46 14.95 -11.22
C THR A 108 2.06 15.80 -10.10
N ASP A 109 3.30 16.25 -10.26
CA ASP A 109 3.91 17.20 -9.33
C ASP A 109 3.62 18.63 -9.80
N CYS A 110 3.15 19.48 -8.88
CA CYS A 110 2.99 20.90 -9.12
C CYS A 110 3.99 21.67 -8.28
N ARG A 111 4.78 22.53 -8.94
CA ARG A 111 5.81 23.31 -8.27
C ARG A 111 5.70 24.75 -8.75
N GLU A 112 5.58 25.66 -7.77
CA GLU A 112 5.38 27.08 -8.02
C GLU A 112 6.56 27.61 -8.83
N THR A 113 6.29 28.45 -9.84
CA THR A 113 7.34 29.07 -10.64
C THR A 113 8.02 30.17 -9.82
N GLY A 114 9.22 30.58 -10.27
CA GLY A 114 9.95 31.66 -9.63
C GLY A 114 9.24 33.01 -9.73
N SER A 115 8.44 33.18 -10.81
CA SER A 115 7.77 34.43 -11.12
C SER A 115 6.33 34.47 -10.58
N SER A 116 5.94 33.43 -9.82
CA SER A 116 4.58 33.29 -9.32
C SER A 116 4.37 34.29 -8.18
N LYS A 117 3.29 35.09 -8.29
CA LYS A 117 2.98 36.07 -7.27
C LYS A 117 1.52 35.93 -6.84
N TYR A 118 1.35 35.54 -5.57
CA TYR A 118 0.05 35.50 -4.94
C TYR A 118 -0.63 36.85 -5.19
N PRO A 119 -1.92 36.89 -5.58
CA PRO A 119 -2.78 35.72 -5.70
C PRO A 119 -2.76 34.95 -7.02
N ASN A 120 -1.93 35.36 -7.97
CA ASN A 120 -1.87 34.70 -9.26
C ASN A 120 -0.82 33.61 -9.21
N CYS A 121 -1.18 32.48 -8.60
CA CYS A 121 -0.22 31.43 -8.35
C CYS A 121 -0.01 30.66 -9.66
N ALA A 122 1.27 30.40 -9.95
CA ALA A 122 1.66 29.81 -11.22
C ALA A 122 2.57 28.59 -10.93
N TYR A 123 2.29 27.51 -11.66
CA TYR A 123 2.89 26.21 -11.38
C TYR A 123 3.44 25.55 -12.63
N LYS A 124 4.58 24.86 -12.48
CA LYS A 124 5.03 23.90 -13.48
C LYS A 124 4.39 22.55 -13.20
N THR A 125 3.76 21.96 -14.23
CA THR A 125 3.12 20.65 -14.19
C THR A 125 4.08 19.58 -14.71
N THR A 126 4.49 18.62 -13.85
CA THR A 126 5.29 17.49 -14.27
C THR A 126 4.57 16.18 -13.97
N GLN A 127 4.45 15.36 -14.99
CA GLN A 127 3.86 14.03 -14.90
C GLN A 127 4.97 13.03 -14.62
N ALA A 128 4.70 12.04 -13.77
CA ALA A 128 5.66 10.98 -13.45
C ALA A 128 4.92 9.70 -13.10
N ASN A 129 5.68 8.60 -13.14
CA ASN A 129 5.25 7.32 -12.59
C ASN A 129 6.24 6.90 -11.53
N LYS A 130 5.83 6.97 -10.26
CA LYS A 130 6.76 6.85 -9.17
C LYS A 130 6.08 6.15 -8.01
N HIS A 131 6.88 5.60 -7.11
CA HIS A 131 6.33 5.09 -5.88
C HIS A 131 6.02 6.26 -4.97
N ILE A 132 4.82 6.24 -4.38
CA ILE A 132 4.43 7.32 -3.48
C ILE A 132 4.72 6.96 -2.03
N ILE A 133 4.91 7.98 -1.20
CA ILE A 133 5.05 7.79 0.24
C ILE A 133 4.01 8.67 0.93
N VAL A 134 3.13 8.05 1.73
CA VAL A 134 2.07 8.76 2.43
C VAL A 134 2.19 8.49 3.92
N ALA A 135 1.80 9.46 4.72
CA ALA A 135 1.59 9.27 6.14
C ALA A 135 0.17 8.85 6.44
N CYS A 136 0.00 7.83 7.28
CA CYS A 136 -1.34 7.33 7.61
C CYS A 136 -1.59 7.48 9.11
N GLU A 137 -2.87 7.71 9.43
N GLU A 137 -2.87 7.71 9.42
CA GLU A 137 -3.33 7.89 10.80
CA GLU A 137 -3.34 7.88 10.78
C GLU A 137 -4.80 7.53 10.89
C GLU A 137 -4.79 7.41 10.87
N GLY A 138 -5.22 7.20 12.11
CA GLY A 138 -6.66 7.05 12.40
C GLY A 138 -7.12 5.61 12.52
N ASN A 139 -8.41 5.48 12.94
CA ASN A 139 -9.15 4.23 12.81
C ASN A 139 -10.45 4.54 12.06
N PRO A 140 -10.58 4.27 10.76
CA PRO A 140 -9.66 3.43 9.98
C PRO A 140 -8.36 4.17 9.62
N TYR A 141 -7.34 3.35 9.41
CA TYR A 141 -5.99 3.84 9.11
C TYR A 141 -5.87 4.21 7.64
N VAL A 142 -5.80 5.53 7.41
CA VAL A 142 -5.96 6.09 6.08
C VAL A 142 -4.92 7.16 5.83
N PRO A 143 -4.69 7.52 4.55
CA PRO A 143 -3.73 8.55 4.26
C PRO A 143 -4.17 9.93 4.74
N VAL A 144 -3.27 10.65 5.35
CA VAL A 144 -3.52 12.02 5.79
C VAL A 144 -2.47 13.01 5.31
N HIS A 145 -1.28 12.57 4.85
CA HIS A 145 -0.34 13.51 4.27
C HIS A 145 0.40 12.82 3.14
N PHE A 146 0.84 13.62 2.19
CA PHE A 146 1.67 13.12 1.10
C PHE A 146 3.11 13.52 1.41
N ASP A 147 4.00 12.54 1.65
CA ASP A 147 5.33 12.83 2.13
C ASP A 147 6.33 13.03 1.00
N ALA A 148 6.29 12.16 0.01
CA ALA A 148 7.31 12.12 -1.04
C ALA A 148 6.92 11.16 -2.14
N SER A 149 7.65 11.26 -3.28
CA SER A 149 7.61 10.21 -4.26
C SER A 149 9.04 9.82 -4.58
N VAL A 150 9.24 8.55 -4.91
CA VAL A 150 10.57 8.03 -5.17
C VAL A 150 10.56 7.10 -6.39
N LYS B 27 18.07 -3.81 -2.22
CA LYS B 27 17.87 -5.29 -2.26
C LYS B 27 16.88 -5.69 -1.17
N GLU B 28 15.67 -6.15 -1.56
CA GLU B 28 14.67 -6.45 -0.55
C GLU B 28 15.12 -7.56 0.40
N THR B 29 14.89 -7.39 1.72
CA THR B 29 15.18 -8.39 2.71
C THR B 29 14.06 -9.44 2.70
N ALA B 30 14.34 -10.60 3.29
CA ALA B 30 13.38 -11.67 3.37
C ALA B 30 12.21 -11.19 4.23
N ALA B 31 12.52 -10.46 5.31
CA ALA B 31 11.47 -9.97 6.19
C ALA B 31 10.56 -9.03 5.40
N ALA B 32 11.16 -8.14 4.60
CA ALA B 32 10.39 -7.19 3.82
C ALA B 32 9.57 -7.89 2.74
N LYS B 33 10.14 -8.95 2.16
CA LYS B 33 9.41 -9.72 1.16
C LYS B 33 8.21 -10.42 1.79
N PHE B 34 8.34 -10.90 3.04
CA PHE B 34 7.22 -11.50 3.75
C PHE B 34 6.13 -10.47 3.91
N GLU B 35 6.47 -9.24 4.33
CA GLU B 35 5.43 -8.23 4.49
C GLU B 35 4.77 -7.88 3.17
N ARG B 36 5.53 -7.82 2.09
CA ARG B 36 4.96 -7.47 0.79
C ARG B 36 3.99 -8.58 0.31
N GLN B 37 4.44 -9.81 0.46
CA GLN B 37 3.68 -10.90 -0.09
C GLN B 37 2.52 -11.31 0.80
N HIS B 38 2.63 -11.12 2.13
CA HIS B 38 1.72 -11.80 3.03
C HIS B 38 1.04 -10.90 4.04
N MET B 39 1.41 -9.62 4.22
CA MET B 39 0.75 -8.83 5.24
C MET B 39 -0.24 -7.84 4.61
N ASP B 40 -1.46 -7.84 5.13
CA ASP B 40 -2.42 -6.80 4.78
C ASP B 40 -3.27 -6.56 6.01
N SER B 41 -2.68 -5.77 6.92
N SER B 41 -2.75 -5.74 6.92
CA SER B 41 -3.28 -5.47 8.20
CA SER B 41 -3.37 -5.63 8.23
C SER B 41 -4.34 -4.38 8.05
C SER B 41 -4.81 -5.09 8.14
N SER B 42 -5.16 -4.48 7.01
CA SER B 42 -6.41 -3.73 6.94
C SER B 42 -7.59 -4.70 6.80
N THR B 43 -8.77 -4.23 7.25
CA THR B 43 -9.94 -5.07 7.41
C THR B 43 -9.53 -6.33 8.16
N SER B 44 -10.50 -7.21 8.48
CA SER B 44 -10.21 -8.59 8.85
C SER B 44 -10.77 -9.50 7.76
N ALA B 45 -10.75 -9.01 6.51
CA ALA B 45 -11.46 -9.65 5.41
C ALA B 45 -10.92 -9.17 4.08
N ALA B 46 -11.29 -9.90 3.02
CA ALA B 46 -11.08 -9.49 1.65
C ALA B 46 -12.32 -8.74 1.16
N SER B 47 -13.50 -9.25 1.53
CA SER B 47 -14.81 -8.69 1.20
C SER B 47 -15.07 -8.80 -0.30
N SER B 48 -14.38 -7.99 -1.12
CA SER B 48 -14.58 -8.01 -2.56
C SER B 48 -14.11 -9.34 -3.16
N SER B 49 -14.87 -9.86 -4.12
CA SER B 49 -14.44 -11.00 -4.92
C SER B 49 -13.22 -10.65 -5.78
N ASN B 50 -12.97 -9.33 -5.91
N ASN B 50 -12.94 -9.36 -6.03
CA ASN B 50 -11.90 -8.77 -6.72
CA ASN B 50 -11.74 -8.98 -6.78
C ASN B 50 -10.61 -8.61 -5.92
C ASN B 50 -10.61 -8.49 -5.88
N TYR B 51 -10.69 -8.76 -4.59
CA TYR B 51 -9.56 -8.45 -3.71
C TYR B 51 -8.28 -9.08 -4.20
N CYS B 52 -8.28 -10.41 -4.39
CA CYS B 52 -7.07 -11.07 -4.83
C CYS B 52 -6.54 -10.54 -6.15
N ASN B 53 -7.41 -10.32 -7.15
CA ASN B 53 -6.91 -9.80 -8.41
C ASN B 53 -6.11 -8.50 -8.22
N GLN B 54 -6.64 -7.58 -7.42
CA GLN B 54 -6.07 -6.28 -7.20
C GLN B 54 -4.84 -6.37 -6.30
N MET B 55 -4.87 -7.25 -5.28
CA MET B 55 -3.74 -7.36 -4.35
C MET B 55 -2.55 -8.04 -5.01
N MET B 56 -2.79 -9.12 -5.77
CA MET B 56 -1.73 -9.84 -6.41
C MET B 56 -1.00 -8.89 -7.36
N LYS B 57 -1.75 -7.96 -7.99
CA LYS B 57 -1.12 -6.98 -8.88
C LYS B 57 -0.29 -5.98 -8.07
N SER B 58 -0.90 -5.40 -7.05
CA SER B 58 -0.36 -4.27 -6.29
C SER B 58 0.83 -4.70 -5.41
N ARG B 59 0.93 -6.00 -5.13
CA ARG B 59 2.08 -6.49 -4.37
C ARG B 59 3.17 -7.05 -5.28
N ASN B 60 3.05 -6.82 -6.59
CA ASN B 60 4.05 -7.20 -7.59
C ASN B 60 4.16 -8.72 -7.71
N LEU B 61 3.02 -9.41 -7.57
CA LEU B 61 2.97 -10.87 -7.65
C LEU B 61 2.42 -11.35 -8.99
N THR B 62 2.30 -10.47 -9.98
CA THR B 62 1.90 -10.91 -11.32
C THR B 62 2.79 -10.31 -12.42
N LYS B 63 4.04 -9.95 -12.09
CA LYS B 63 4.83 -9.12 -13.00
C LYS B 63 5.27 -9.92 -14.22
N ASP B 64 5.92 -11.06 -14.01
CA ASP B 64 6.44 -11.86 -15.12
C ASP B 64 5.65 -13.16 -15.29
N ARG B 65 5.04 -13.61 -14.20
CA ARG B 65 4.21 -14.79 -14.17
C ARG B 65 3.14 -14.50 -13.14
N CYS B 66 2.01 -15.23 -13.20
CA CYS B 66 1.02 -15.17 -12.15
C CYS B 66 1.51 -16.06 -11.00
N LYS B 67 1.76 -15.46 -9.82
CA LYS B 67 2.05 -16.31 -8.68
C LYS B 67 0.79 -17.13 -8.39
N PRO B 68 0.83 -18.48 -8.44
CA PRO B 68 -0.42 -19.25 -8.37
C PRO B 68 -1.21 -19.19 -7.08
N VAL B 69 -0.50 -19.28 -5.95
CA VAL B 69 -1.15 -19.38 -4.64
C VAL B 69 -0.47 -18.39 -3.68
N ASN B 70 -1.28 -17.69 -2.91
CA ASN B 70 -0.69 -16.74 -1.98
C ASN B 70 -1.69 -16.39 -0.91
N THR B 71 -1.25 -16.36 0.33
CA THR B 71 -2.08 -15.99 1.45
C THR B 71 -1.74 -14.60 1.99
N PHE B 72 -2.78 -13.82 2.33
CA PHE B 72 -2.60 -12.56 3.00
C PHE B 72 -3.21 -12.63 4.42
N VAL B 73 -2.47 -12.09 5.40
CA VAL B 73 -2.86 -12.12 6.79
C VAL B 73 -3.36 -10.74 7.24
N HIS B 74 -4.54 -10.63 7.88
N HIS B 74 -4.56 -10.76 7.86
CA HIS B 74 -5.08 -9.32 8.15
CA HIS B 74 -5.30 -9.58 8.30
C HIS B 74 -4.86 -8.82 9.59
C HIS B 74 -5.29 -9.45 9.82
N GLU B 75 -4.09 -9.53 10.39
CA GLU B 75 -3.85 -9.16 11.76
C GLU B 75 -2.72 -8.12 11.78
N SER B 76 -2.52 -7.50 12.92
CA SER B 76 -1.49 -6.49 13.05
C SER B 76 -0.12 -7.14 12.83
N LEU B 77 0.84 -6.35 12.33
CA LEU B 77 2.19 -6.83 12.18
C LEU B 77 2.72 -7.33 13.50
N ALA B 78 2.41 -6.62 14.61
CA ALA B 78 2.89 -7.05 15.92
C ALA B 78 2.38 -8.46 16.25
N ASP B 79 1.11 -8.69 15.96
CA ASP B 79 0.55 -10.00 16.27
C ASP B 79 1.19 -11.10 15.42
N VAL B 80 1.49 -10.80 14.16
CA VAL B 80 2.09 -11.82 13.31
C VAL B 80 3.56 -12.05 13.71
N GLN B 81 4.29 -10.97 14.05
CA GLN B 81 5.67 -11.13 14.50
C GLN B 81 5.74 -11.94 15.80
N ALA B 82 4.71 -11.81 16.65
CA ALA B 82 4.67 -12.53 17.91
C ALA B 82 4.56 -14.04 17.72
N VAL B 83 4.16 -14.48 16.52
CA VAL B 83 4.09 -15.91 16.25
C VAL B 83 5.46 -16.58 16.43
N CYS B 84 6.52 -15.80 16.18
CA CYS B 84 7.88 -16.28 16.34
C CYS B 84 8.26 -16.68 17.76
N SER B 85 7.39 -16.36 18.73
N SER B 85 7.38 -16.40 18.72
CA SER B 85 7.54 -16.78 20.12
CA SER B 85 7.59 -16.82 20.11
C SER B 85 6.41 -17.72 20.55
C SER B 85 6.56 -17.85 20.55
N GLN B 86 5.78 -18.43 19.61
CA GLN B 86 4.68 -19.34 19.93
C GLN B 86 5.10 -20.79 19.69
N LYS B 87 4.34 -21.58 18.93
CA LYS B 87 4.52 -23.03 18.97
C LYS B 87 5.55 -23.41 17.89
N ASN B 88 6.73 -23.80 18.34
CA ASN B 88 7.75 -24.26 17.39
C ASN B 88 7.34 -25.61 16.78
N VAL B 89 7.48 -25.68 15.44
CA VAL B 89 7.16 -26.87 14.63
C VAL B 89 8.19 -26.97 13.50
N ALA B 90 8.27 -28.17 12.88
CA ALA B 90 9.12 -28.22 11.69
C ALA B 90 8.45 -27.52 10.53
N CYS B 91 9.30 -27.01 9.62
CA CYS B 91 8.89 -26.43 8.37
C CYS B 91 8.75 -27.52 7.30
N LYS B 92 8.00 -27.24 6.24
CA LYS B 92 7.87 -28.14 5.10
C LYS B 92 9.22 -28.60 4.55
N ASN B 93 10.19 -27.69 4.54
CA ASN B 93 11.48 -27.98 3.93
C ASN B 93 12.40 -28.73 4.88
N GLY B 94 11.96 -29.02 6.11
CA GLY B 94 12.74 -29.78 7.05
C GLY B 94 13.51 -28.96 8.09
N GLN B 95 13.66 -27.67 7.81
CA GLN B 95 14.19 -26.76 8.81
C GLN B 95 13.26 -26.75 10.02
N THR B 96 13.78 -26.33 11.17
CA THR B 96 12.97 -26.39 12.39
C THR B 96 12.75 -24.99 12.99
N ASN B 97 12.83 -23.92 12.20
CA ASN B 97 12.62 -22.55 12.65
C ASN B 97 11.22 -22.07 12.28
N CYS B 98 10.24 -22.98 12.24
CA CYS B 98 8.85 -22.60 12.01
C CYS B 98 8.08 -22.56 13.31
N TYR B 99 7.05 -21.73 13.23
CA TYR B 99 6.19 -21.43 14.36
C TYR B 99 4.75 -21.36 13.87
N GLN B 100 3.88 -22.02 14.66
CA GLN B 100 2.46 -22.01 14.49
C GLN B 100 1.85 -21.03 15.49
N SER B 101 0.94 -20.20 15.00
CA SER B 101 0.23 -19.26 15.84
C SER B 101 -0.67 -20.05 16.80
N TYR B 102 -0.65 -19.69 18.08
CA TYR B 102 -1.53 -20.32 19.04
C TYR B 102 -3.01 -20.05 18.72
N SER B 103 -3.31 -18.86 18.28
CA SER B 103 -4.66 -18.45 17.95
C SER B 103 -4.90 -18.59 16.45
N THR B 104 -6.19 -18.60 16.08
CA THR B 104 -6.50 -18.40 14.69
C THR B 104 -6.40 -16.93 14.33
N MET B 105 -6.15 -16.68 13.04
CA MET B 105 -6.00 -15.37 12.45
C MET B 105 -6.89 -15.22 11.22
N SER B 106 -7.33 -14.01 11.00
CA SER B 106 -8.05 -13.66 9.78
C SER B 106 -7.08 -13.67 8.60
N ILE B 107 -7.37 -14.48 7.59
CA ILE B 107 -6.55 -14.57 6.40
C ILE B 107 -7.42 -14.54 5.14
N THR B 108 -6.78 -14.24 4.00
CA THR B 108 -7.42 -14.40 2.70
C THR B 108 -6.52 -15.33 1.92
N ASP B 109 -7.10 -16.41 1.36
CA ASP B 109 -6.37 -17.27 0.45
C ASP B 109 -6.67 -16.86 -0.98
N CYS B 110 -5.64 -16.59 -1.76
CA CYS B 110 -5.76 -16.25 -3.18
C CYS B 110 -5.21 -17.45 -3.97
N ARG B 111 -6.00 -17.99 -4.89
CA ARG B 111 -5.57 -19.11 -5.70
C ARG B 111 -5.95 -18.80 -7.14
N GLU B 112 -5.00 -18.93 -8.03
CA GLU B 112 -5.26 -18.63 -9.42
C GLU B 112 -6.36 -19.59 -9.92
N THR B 113 -7.19 -19.10 -10.84
CA THR B 113 -8.22 -19.93 -11.45
C THR B 113 -7.60 -20.88 -12.46
N GLY B 114 -8.38 -21.91 -12.80
CA GLY B 114 -7.90 -22.88 -13.77
C GLY B 114 -7.74 -22.28 -15.16
N SER B 115 -8.48 -21.20 -15.48
CA SER B 115 -8.43 -20.61 -16.80
C SER B 115 -7.58 -19.34 -16.82
N SER B 116 -6.82 -19.07 -15.75
CA SER B 116 -5.98 -17.88 -15.67
C SER B 116 -4.79 -18.01 -16.60
N LYS B 117 -4.52 -16.94 -17.36
CA LYS B 117 -3.44 -16.92 -18.32
C LYS B 117 -2.77 -15.55 -18.25
N TYR B 118 -1.52 -15.57 -17.78
CA TYR B 118 -0.68 -14.38 -17.83
C TYR B 118 -0.73 -13.80 -19.24
N PRO B 119 -0.83 -12.46 -19.44
CA PRO B 119 -0.73 -11.48 -18.36
C PRO B 119 -2.01 -11.11 -17.64
N ASN B 120 -3.11 -11.78 -17.94
CA ASN B 120 -4.39 -11.44 -17.34
C ASN B 120 -4.64 -12.34 -16.13
N CYS B 121 -3.82 -12.19 -15.09
CA CYS B 121 -3.81 -13.12 -13.96
C CYS B 121 -5.16 -13.02 -13.23
N ALA B 122 -5.79 -14.17 -12.92
CA ALA B 122 -7.11 -14.16 -12.32
C ALA B 122 -7.11 -15.11 -11.12
N TYR B 123 -7.75 -14.67 -10.03
CA TYR B 123 -7.74 -15.35 -8.75
C TYR B 123 -9.13 -15.49 -8.18
N LYS B 124 -9.33 -16.56 -7.44
CA LYS B 124 -10.43 -16.66 -6.51
C LYS B 124 -9.95 -16.25 -5.12
N THR B 125 -10.79 -15.43 -4.48
CA THR B 125 -10.60 -14.92 -3.14
C THR B 125 -11.41 -15.78 -2.17
N THR B 126 -10.74 -16.35 -1.18
CA THR B 126 -11.45 -17.07 -0.13
C THR B 126 -11.03 -16.55 1.23
N GLN B 127 -12.02 -16.16 2.06
N GLN B 127 -11.99 -16.04 2.02
CA GLN B 127 -11.77 -15.66 3.40
CA GLN B 127 -11.71 -15.63 3.39
C GLN B 127 -11.72 -16.83 4.37
C GLN B 127 -11.62 -16.85 4.29
N ALA B 128 -10.75 -16.80 5.30
CA ALA B 128 -10.69 -17.84 6.30
C ALA B 128 -10.13 -17.34 7.61
N ASN B 129 -10.30 -18.18 8.63
CA ASN B 129 -9.86 -17.91 9.99
C ASN B 129 -9.09 -19.16 10.45
N LYS B 130 -7.74 -19.08 10.42
CA LYS B 130 -6.94 -20.28 10.65
C LYS B 130 -5.63 -19.96 11.36
N HIS B 131 -5.00 -20.99 11.89
CA HIS B 131 -3.67 -20.84 12.45
C HIS B 131 -2.69 -20.68 11.29
N ILE B 132 -1.68 -19.82 11.45
CA ILE B 132 -0.62 -19.66 10.43
C ILE B 132 0.65 -20.31 10.96
N ILE B 133 1.46 -20.79 9.99
CA ILE B 133 2.75 -21.34 10.26
C ILE B 133 3.75 -20.55 9.42
N VAL B 134 4.77 -20.00 10.09
CA VAL B 134 5.74 -19.11 9.44
C VAL B 134 7.13 -19.53 9.89
N ALA B 135 8.10 -19.37 8.99
CA ALA B 135 9.52 -19.48 9.36
C ALA B 135 10.00 -18.14 9.88
N CYS B 136 10.80 -18.21 10.95
CA CYS B 136 11.30 -16.99 11.58
C CYS B 136 12.84 -16.94 11.50
N GLU B 137 13.37 -15.75 11.32
CA GLU B 137 14.82 -15.62 11.20
C GLU B 137 15.18 -14.16 11.41
N GLY B 138 16.44 -13.96 11.80
CA GLY B 138 17.09 -12.67 11.76
C GLY B 138 16.88 -11.88 13.04
N ASN B 139 17.33 -10.61 13.00
CA ASN B 139 17.34 -9.72 14.16
C ASN B 139 16.80 -8.38 13.70
N PRO B 140 15.59 -7.96 14.08
CA PRO B 140 14.71 -8.71 14.99
C PRO B 140 14.23 -10.04 14.40
N TYR B 141 13.77 -10.96 15.26
CA TYR B 141 13.42 -12.32 14.85
C TYR B 141 11.98 -12.35 14.41
N VAL B 142 11.79 -12.34 13.09
CA VAL B 142 10.49 -12.07 12.49
C VAL B 142 10.21 -13.06 11.38
N PRO B 143 8.96 -13.13 10.88
CA PRO B 143 8.66 -14.05 9.79
C PRO B 143 9.36 -13.72 8.49
N VAL B 144 9.88 -14.77 7.83
CA VAL B 144 10.54 -14.61 6.57
C VAL B 144 9.91 -15.51 5.52
N HIS B 145 8.97 -16.39 5.87
CA HIS B 145 8.34 -17.32 4.94
C HIS B 145 6.99 -17.71 5.52
N PHE B 146 5.99 -17.82 4.65
CA PHE B 146 4.68 -18.35 5.00
C PHE B 146 4.67 -19.82 4.64
N ASP B 147 4.65 -20.69 5.66
CA ASP B 147 4.70 -22.12 5.42
C ASP B 147 3.35 -22.75 5.14
N ALA B 148 2.29 -22.37 5.87
CA ALA B 148 0.99 -22.96 5.69
C ALA B 148 -0.01 -22.31 6.62
N SER B 149 -1.29 -22.49 6.34
CA SER B 149 -2.36 -22.26 7.32
C SER B 149 -3.01 -23.59 7.67
N VAL B 150 -3.41 -23.76 8.93
CA VAL B 150 -4.00 -24.97 9.43
C VAL B 150 -5.23 -24.70 10.33
S SO4 C . -0.03 17.48 3.19
O1 SO4 C . 0.84 18.37 3.89
O2 SO4 C . -0.63 18.24 2.11
O3 SO4 C . 0.63 16.41 2.65
O4 SO4 C . -1.06 17.03 4.16
RU1 A1IHW D . -9.12 -24.53 18.37
RU2 A1IHW D . -7.35 -23.76 17.12
O6 A1IHW D . -6.15 -24.25 18.67
O1 A1IHW D . -10.31 -23.91 16.85
O2 A1IHW D . -8.64 -23.34 15.58
O5 A1IHW D . -7.82 -25.13 19.82
O3 A1IHW D . -9.15 -22.65 19.20
O4 A1IHW D . -7.72 -21.91 17.94
N2 A1IHW D . -7.10 -25.69 16.54
N1 A1IHW D . -9.00 -26.37 17.51
C1 A1IHW D . -9.70 -23.62 15.64
C7 A1IHW D . -7.85 -26.69 16.99
N3 A1IHW D . -13.80 -31.15 17.53
C5 A1IHW D . -6.58 -24.88 19.71
C2 A1IHW D . -10.46 -23.68 14.35
C20 A1IHW D . -6.01 -26.40 14.51
C9 A1IHW D . -10.60 -27.81 16.40
C10 A1IHW D . -11.56 -28.78 16.41
C15 A1IHW D . -5.93 -26.09 15.86
C8 A1IHW D . -10.02 -27.40 17.55
C6 A1IHW D . -5.58 -25.32 20.76
C13 A1IHW D . -10.40 -27.96 18.81
C16 A1IHW D . -4.75 -26.11 16.60
C17 A1IHW D . -3.60 -26.48 15.96
C11 A1IHW D . -11.96 -29.33 17.62
C14 A1IHW D . -12.96 -30.33 17.60
N4 A1IHW D . -1.42 -27.49 13.49
C12 A1IHW D . -11.38 -28.92 18.82
C18 A1IHW D . -3.63 -26.81 14.63
C19 A1IHW D . -4.79 -26.77 13.90
C21 A1IHW D . -2.43 -27.18 13.96
#